data_3MDI
#
_entry.id   3MDI
#
_cell.length_a   71.362
_cell.length_b   72.037
_cell.length_c   96.160
_cell.angle_alpha   90.000
_cell.angle_beta   90.000
_cell.angle_gamma   90.000
#
_symmetry.space_group_name_H-M   'P 21 21 21'
#
loop_
_entity.id
_entity.type
_entity.pdbx_description
1 polymer 'Cleavage and polyadenylation specificity factor subunit 5'
2 polymer "RNA (5'-R(*UP*GP*UP*AP*AP*A)-3')"
3 non-polymer GLYCEROL
4 water water
#
loop_
_entity_poly.entity_id
_entity_poly.type
_entity_poly.pdbx_seq_one_letter_code
_entity_poly.pdbx_strand_id
1 'polypeptide(L)'
;MSVVPPNRSQTGWPRGVTQFGNKYIQQTKPLTLERTINLYPLTNYTFGTKEPLYEKDSSVAARFQRMREEFDKIGMRRTV
EGVLIVHEHRLPHVLLLQLGTTFFKLPGGELNPGEDEVEGLKRLMTEILGRQDGVLQDWVIDDCIGNWWRPNFEPPQYPY
IPAHITKPKEHKKLFLVQLQEKALFAVPKNYKLVAAPLFELYDNAPGYGPIISSLPQLLSRFNFIYN
;
A,B
2 'polyribonucleotide' UGUAAA C
#
loop_
_chem_comp.id
_chem_comp.type
_chem_comp.name
_chem_comp.formula
A RNA linking ADENOSINE-5'-MONOPHOSPHATE 'C10 H14 N5 O7 P'
G RNA linking GUANOSINE-5'-MONOPHOSPHATE 'C10 H14 N5 O8 P'
GOL non-polymer GLYCEROL 'C3 H8 O3'
U RNA linking URIDINE-5'-MONOPHOSPHATE 'C9 H13 N2 O9 P'
#
# COMPACT_ATOMS: atom_id res chain seq x y z
N LYS A 29 13.31 3.97 15.72
CA LYS A 29 12.80 3.26 14.55
C LYS A 29 13.02 4.03 13.24
N PRO A 30 13.47 3.33 12.20
CA PRO A 30 13.64 3.92 10.87
C PRO A 30 12.30 4.44 10.34
N LEU A 31 12.32 5.47 9.50
CA LEU A 31 11.09 5.98 8.89
C LEU A 31 10.54 4.93 7.94
N THR A 32 11.39 3.94 7.70
CA THR A 32 11.12 2.85 6.79
C THR A 32 10.25 1.82 7.51
N LEU A 33 10.46 1.73 8.83
CA LEU A 33 9.74 0.81 9.71
C LEU A 33 8.51 1.46 10.30
N GLU A 34 8.60 2.75 10.61
CA GLU A 34 7.44 3.52 11.05
C GLU A 34 7.42 4.97 10.56
N ARG A 35 6.38 5.32 9.80
CA ARG A 35 6.28 6.62 9.16
C ARG A 35 5.14 7.43 9.77
N THR A 36 5.50 8.46 10.53
CA THR A 36 4.51 9.24 11.26
C THR A 36 4.13 10.47 10.43
N ILE A 37 2.83 10.74 10.31
CA ILE A 37 2.33 11.82 9.46
C ILE A 37 1.31 12.65 10.21
N ASN A 38 1.45 13.97 10.18
CA ASN A 38 0.48 14.88 10.80
C ASN A 38 -0.73 15.21 9.94
N LEU A 39 -1.91 14.96 10.48
CA LEU A 39 -3.17 15.32 9.83
C LEU A 39 -3.81 16.50 10.57
N TYR A 40 -4.50 17.35 9.83
CA TYR A 40 -5.16 18.49 10.46
C TYR A 40 -6.62 18.46 10.12
N PRO A 41 -7.44 19.11 10.98
CA PRO A 41 -8.88 19.16 10.72
C PRO A 41 -9.15 19.76 9.35
N LEU A 42 -10.20 19.28 8.69
CA LEU A 42 -10.61 19.87 7.42
C LEU A 42 -10.78 21.37 7.58
N THR A 43 -11.20 21.81 8.76
CA THR A 43 -11.45 23.23 9.00
C THR A 43 -10.20 24.10 9.08
N ASN A 44 -9.03 23.48 9.11
CA ASN A 44 -7.79 24.24 9.07
C ASN A 44 -7.54 24.82 7.69
N TYR A 45 -8.30 24.34 6.72
CA TYR A 45 -8.06 24.68 5.34
C TYR A 45 -9.25 25.45 4.79
N THR A 46 -8.96 26.55 4.11
CA THR A 46 -10.00 27.31 3.47
C THR A 46 -9.86 27.17 1.96
N PHE A 47 -11.00 26.99 1.31
CA PHE A 47 -11.01 26.73 -0.11
C PHE A 47 -11.69 27.85 -0.89
N GLY A 48 -10.94 28.45 -1.80
CA GLY A 48 -11.52 29.43 -2.70
C GLY A 48 -11.69 28.77 -4.05
N THR A 49 -11.94 29.57 -5.08
CA THR A 49 -12.09 29.04 -6.42
C THR A 49 -11.22 29.82 -7.37
N LYS A 50 -10.98 29.26 -8.54
CA LYS A 50 -10.38 30.01 -9.61
C LYS A 50 -11.05 29.65 -10.93
N GLU A 51 -10.55 30.23 -12.02
CA GLU A 51 -11.16 30.05 -13.33
C GLU A 51 -11.04 28.59 -13.76
N PRO A 52 -12.07 28.07 -14.45
CA PRO A 52 -12.04 26.66 -14.87
C PRO A 52 -10.72 26.24 -15.49
N LEU A 53 -10.31 25.00 -15.21
CA LEU A 53 -9.11 24.42 -15.78
C LEU A 53 -9.46 23.04 -16.34
N TYR A 54 -9.77 22.97 -17.63
CA TYR A 54 -10.32 21.76 -18.20
C TYR A 54 -9.26 20.73 -18.56
N GLU A 55 -9.64 19.47 -18.56
CA GLU A 55 -8.72 18.42 -18.96
C GLU A 55 -8.42 18.59 -20.44
N LYS A 56 -7.25 18.12 -20.89
CA LYS A 56 -6.82 18.24 -22.28
C LYS A 56 -7.64 17.36 -23.19
N ASP A 57 -8.29 16.35 -22.60
CA ASP A 57 -9.09 15.42 -23.38
C ASP A 57 -10.56 15.65 -23.06
N SER A 58 -11.40 15.69 -24.10
CA SER A 58 -12.80 16.05 -23.95
C SER A 58 -13.70 14.83 -23.84
N SER A 59 -13.11 13.65 -24.02
CA SER A 59 -13.87 12.41 -24.00
C SER A 59 -12.93 11.25 -23.71
N VAL A 60 -13.50 10.09 -23.39
CA VAL A 60 -12.69 8.89 -23.20
C VAL A 60 -11.94 8.48 -24.47
N ALA A 61 -12.64 8.48 -25.60
CA ALA A 61 -11.99 8.14 -26.88
C ALA A 61 -10.84 9.08 -27.22
N ALA A 62 -11.07 10.39 -27.02
CA ALA A 62 -10.05 11.39 -27.30
C ALA A 62 -8.83 11.15 -26.42
N ARG A 63 -9.08 10.82 -25.15
CA ARG A 63 -8.02 10.55 -24.18
C ARG A 63 -7.08 9.45 -24.69
N PHE A 64 -7.63 8.34 -25.14
CA PHE A 64 -6.81 7.24 -25.67
C PHE A 64 -6.16 7.54 -27.03
N GLN A 65 -6.81 8.36 -27.85
CA GLN A 65 -6.20 8.81 -29.08
C GLN A 65 -4.93 9.62 -28.81
N ARG A 66 -5.00 10.54 -27.84
CA ARG A 66 -3.83 11.38 -27.51
C ARG A 66 -2.77 10.56 -26.81
N MET A 67 -3.22 9.58 -26.03
CA MET A 67 -2.31 8.64 -25.40
C MET A 67 -1.52 7.89 -26.49
N ARG A 68 -2.23 7.40 -27.50
CA ARG A 68 -1.61 6.76 -28.68
C ARG A 68 -0.64 7.68 -29.44
N GLU A 69 -1.10 8.88 -29.81
CA GLU A 69 -0.24 9.84 -30.50
C GLU A 69 1.08 10.05 -29.76
N GLU A 70 0.98 10.38 -28.48
CA GLU A 70 2.17 10.71 -27.71
C GLU A 70 3.04 9.51 -27.41
N PHE A 71 2.45 8.32 -27.37
CA PHE A 71 3.25 7.14 -27.11
C PHE A 71 4.23 6.98 -28.26
N ASP A 72 3.69 7.05 -29.47
CA ASP A 72 4.47 6.96 -30.70
C ASP A 72 5.67 7.91 -30.71
N LYS A 73 5.53 9.04 -30.02
CA LYS A 73 6.45 10.17 -30.22
C LYS A 73 7.30 10.52 -29.02
N ILE A 74 6.91 10.09 -27.83
CA ILE A 74 7.65 10.43 -26.63
C ILE A 74 7.80 9.18 -25.76
N GLY A 75 6.96 8.17 -26.03
CA GLY A 75 7.02 6.92 -25.29
C GLY A 75 6.00 6.85 -24.16
N MET A 76 6.28 6.01 -23.17
CA MET A 76 5.34 5.78 -22.07
C MET A 76 4.91 7.09 -21.38
N ARG A 77 3.62 7.27 -21.17
CA ARG A 77 3.14 8.40 -20.38
C ARG A 77 3.50 8.23 -18.92
N ARG A 78 3.97 9.30 -18.30
CA ARG A 78 4.35 9.30 -16.90
C ARG A 78 3.43 10.24 -16.15
N THR A 79 2.58 9.68 -15.30
CA THR A 79 1.59 10.46 -14.56
C THR A 79 1.91 10.42 -13.07
N VAL A 80 1.67 11.53 -12.38
CA VAL A 80 1.89 11.62 -10.93
C VAL A 80 0.64 12.17 -10.27
N GLU A 81 0.31 11.64 -9.10
CA GLU A 81 -0.88 12.09 -8.39
C GLU A 81 -0.62 12.16 -6.92
N GLY A 82 -1.29 13.11 -6.26
CA GLY A 82 -1.03 13.39 -4.87
C GLY A 82 -2.20 12.96 -4.01
N VAL A 83 -1.88 12.46 -2.83
CA VAL A 83 -2.88 12.06 -1.86
C VAL A 83 -2.75 13.01 -0.68
N LEU A 84 -3.69 13.94 -0.60
CA LEU A 84 -3.75 14.94 0.44
C LEU A 84 -4.76 14.44 1.45
N ILE A 85 -4.38 14.46 2.73
CA ILE A 85 -5.25 13.91 3.75
C ILE A 85 -5.52 14.91 4.87
N VAL A 86 -6.79 15.00 5.24
CA VAL A 86 -7.19 15.79 6.39
C VAL A 86 -7.93 14.82 7.31
N HIS A 87 -8.22 15.23 8.52
CA HIS A 87 -9.05 14.39 9.37
C HIS A 87 -10.29 15.11 9.83
N GLU A 88 -11.31 14.34 10.17
CA GLU A 88 -12.52 14.88 10.77
C GLU A 88 -12.93 13.93 11.88
N HIS A 89 -12.86 14.42 13.11
CA HIS A 89 -13.19 13.62 14.28
C HIS A 89 -12.25 12.43 14.36
N ARG A 90 -10.95 12.72 14.25
CA ARG A 90 -9.90 11.70 14.28
C ARG A 90 -10.01 10.65 13.16
N LEU A 91 -10.71 11.00 12.08
CA LEU A 91 -10.86 10.09 10.93
C LEU A 91 -10.26 10.66 9.65
N PRO A 92 -9.27 9.95 9.07
CA PRO A 92 -8.65 10.34 7.79
C PRO A 92 -9.66 10.49 6.65
N HIS A 93 -9.54 11.59 5.92
CA HIS A 93 -10.30 11.84 4.71
C HIS A 93 -9.31 12.23 3.62
N VAL A 94 -9.47 11.61 2.45
CA VAL A 94 -8.66 11.95 1.26
C VAL A 94 -9.37 13.04 0.44
N LEU A 95 -8.62 14.05 -0.02
CA LEU A 95 -9.20 15.08 -0.85
C LEU A 95 -9.32 14.58 -2.29
N LEU A 96 -10.52 14.63 -2.84
CA LEU A 96 -10.74 14.24 -4.23
C LEU A 96 -11.38 15.36 -5.02
N LEU A 97 -10.97 15.49 -6.27
CA LEU A 97 -11.61 16.42 -7.20
C LEU A 97 -12.79 15.69 -7.80
N GLN A 98 -13.95 16.32 -7.72
CA GLN A 98 -15.16 15.74 -8.30
C GLN A 98 -15.53 16.44 -9.60
N LEU A 99 -15.74 15.64 -10.65
CA LEU A 99 -16.15 16.17 -11.95
C LEU A 99 -17.55 15.70 -12.25
N GLY A 100 -18.49 16.64 -12.27
CA GLY A 100 -19.89 16.28 -12.41
C GLY A 100 -20.36 15.66 -11.12
N THR A 101 -21.05 14.53 -11.23
CA THR A 101 -21.61 13.88 -10.06
C THR A 101 -20.98 12.52 -9.80
N THR A 102 -20.46 11.87 -10.84
CA THR A 102 -20.06 10.47 -10.73
C THR A 102 -18.58 10.20 -10.95
N PHE A 103 -17.80 11.23 -11.26
CA PHE A 103 -16.37 10.99 -11.47
C PHE A 103 -15.48 11.74 -10.50
N PHE A 104 -14.46 11.04 -10.00
CA PHE A 104 -13.53 11.56 -9.01
C PHE A 104 -12.09 11.27 -9.43
N LYS A 105 -11.19 12.22 -9.22
CA LYS A 105 -9.77 12.00 -9.49
C LYS A 105 -8.87 12.62 -8.41
N LEU A 106 -7.66 12.09 -8.27
CA LEU A 106 -6.69 12.70 -7.39
C LEU A 106 -6.10 13.92 -8.09
N PRO A 107 -5.68 14.93 -7.32
CA PRO A 107 -5.00 16.04 -7.97
C PRO A 107 -3.68 15.52 -8.55
N GLY A 108 -3.42 15.86 -9.80
CA GLY A 108 -2.18 15.45 -10.46
C GLY A 108 -2.24 15.63 -11.95
N GLY A 109 -1.42 14.88 -12.68
CA GLY A 109 -1.41 14.96 -14.13
C GLY A 109 -0.15 14.45 -14.79
N GLU A 110 0.08 14.92 -16.02
CA GLU A 110 1.16 14.42 -16.85
C GLU A 110 2.47 15.16 -16.69
N LEU A 111 3.54 14.40 -16.49
CA LEU A 111 4.88 14.95 -16.46
C LEU A 111 5.25 15.39 -17.86
N ASN A 112 5.95 16.52 -17.97
CA ASN A 112 6.57 16.90 -19.24
C ASN A 112 7.75 15.97 -19.44
N PRO A 113 8.13 15.72 -20.71
CA PRO A 113 9.24 14.80 -21.02
C PRO A 113 10.52 15.20 -20.29
N GLY A 114 11.10 14.25 -19.56
CA GLY A 114 12.35 14.47 -18.85
C GLY A 114 12.17 15.06 -17.46
N GLU A 115 10.97 15.57 -17.19
CA GLU A 115 10.68 16.23 -15.92
C GLU A 115 10.84 15.29 -14.75
N ASP A 116 11.34 15.81 -13.63
CA ASP A 116 11.46 15.06 -12.39
C ASP A 116 10.07 14.83 -11.78
N GLU A 117 9.86 13.63 -11.22
CA GLU A 117 8.56 13.21 -10.73
C GLU A 117 7.97 14.11 -9.62
N VAL A 118 8.74 14.34 -8.56
CA VAL A 118 8.26 15.15 -7.45
C VAL A 118 8.16 16.62 -7.85
N GLU A 119 9.18 17.15 -8.50
CA GLU A 119 9.09 18.51 -9.05
C GLU A 119 7.87 18.69 -9.95
N GLY A 120 7.64 17.71 -10.83
CA GLY A 120 6.47 17.72 -11.68
C GLY A 120 5.15 17.70 -10.93
N LEU A 121 5.11 16.97 -9.80
CA LEU A 121 3.88 16.90 -9.01
C LEU A 121 3.59 18.23 -8.32
N LYS A 122 4.63 18.87 -7.80
CA LYS A 122 4.49 20.20 -7.20
C LYS A 122 3.95 21.20 -8.21
N ARG A 123 4.49 21.16 -9.43
CA ARG A 123 4.00 21.97 -10.52
C ARG A 123 2.49 21.78 -10.74
N LEU A 124 2.08 20.53 -10.92
CA LEU A 124 0.69 20.14 -11.17
C LEU A 124 -0.28 20.46 -10.02
N MET A 125 0.19 20.32 -8.79
CA MET A 125 -0.59 20.67 -7.61
C MET A 125 -0.91 22.16 -7.53
N THR A 126 0.07 23.00 -7.84
CA THR A 126 -0.12 24.45 -7.87
CA THR A 126 -0.14 24.44 -7.84
C THR A 126 -1.06 24.84 -8.98
N GLU A 127 -0.86 24.25 -10.16
CA GLU A 127 -1.75 24.51 -11.28
C GLU A 127 -3.21 24.30 -10.88
N ILE A 128 -3.53 23.14 -10.34
CA ILE A 128 -4.90 22.75 -10.04
CA ILE A 128 -4.92 22.80 -10.06
C ILE A 128 -5.42 23.30 -8.71
N LEU A 129 -4.53 23.52 -7.76
CA LEU A 129 -4.98 23.81 -6.40
C LEU A 129 -4.30 25.04 -5.77
N GLY A 130 -3.30 25.58 -6.44
CA GLY A 130 -2.55 26.69 -5.90
C GLY A 130 -3.40 27.93 -5.69
N ARG A 131 -3.27 28.52 -4.50
CA ARG A 131 -3.92 29.80 -4.18
C ARG A 131 -3.54 30.86 -5.21
N GLN A 132 -4.31 31.94 -5.26
CA GLN A 132 -4.13 32.95 -6.30
C GLN A 132 -3.42 34.20 -5.79
N ASP A 133 -3.31 34.31 -4.47
CA ASP A 133 -2.82 35.54 -3.83
C ASP A 133 -1.30 35.74 -3.90
N GLY A 134 -0.65 35.10 -4.87
CA GLY A 134 0.79 35.24 -5.01
C GLY A 134 1.57 34.50 -3.95
N VAL A 135 0.98 34.34 -2.77
CA VAL A 135 1.57 33.53 -1.71
C VAL A 135 1.68 32.17 -2.40
N LEU A 136 2.91 31.74 -2.65
CA LEU A 136 3.12 30.42 -3.25
C LEU A 136 3.12 29.30 -2.23
N GLN A 137 2.31 28.27 -2.49
N GLN A 137 2.32 28.28 -2.53
CA GLN A 137 2.18 27.15 -1.57
CA GLN A 137 2.18 27.11 -1.67
C GLN A 137 3.43 26.28 -1.59
C GLN A 137 3.51 26.35 -1.57
N ASP A 138 3.76 25.72 -0.43
CA ASP A 138 4.90 24.83 -0.32
C ASP A 138 4.44 23.41 -0.04
N TRP A 139 4.54 22.56 -1.07
CA TRP A 139 4.12 21.16 -0.97
C TRP A 139 5.26 20.31 -0.43
N VAL A 140 4.97 19.52 0.60
CA VAL A 140 5.92 18.52 1.10
C VAL A 140 5.57 17.10 0.61
N ILE A 141 6.39 16.60 -0.30
CA ILE A 141 6.16 15.30 -0.91
C ILE A 141 7.40 14.43 -0.69
N ASP A 142 7.37 13.60 0.34
CA ASP A 142 8.52 12.79 0.68
C ASP A 142 8.23 11.29 0.60
N ASP A 143 7.00 10.93 0.20
CA ASP A 143 6.51 9.54 0.31
C ASP A 143 5.85 9.02 -0.94
N CYS A 144 6.37 7.92 -1.47
CA CYS A 144 5.70 7.20 -2.54
C CYS A 144 4.79 6.16 -1.89
N ILE A 145 3.53 6.12 -2.31
CA ILE A 145 2.59 5.18 -1.70
C ILE A 145 2.19 4.08 -2.67
N GLY A 146 2.33 4.32 -3.98
CA GLY A 146 2.07 3.26 -4.93
C GLY A 146 2.36 3.57 -6.38
N ASN A 147 2.07 2.58 -7.23
CA ASN A 147 2.37 2.59 -8.66
C ASN A 147 1.35 1.77 -9.41
N TRP A 148 0.82 2.32 -10.50
CA TRP A 148 -0.12 1.60 -11.34
C TRP A 148 0.32 1.67 -12.80
N TRP A 149 0.21 0.53 -13.51
CA TRP A 149 0.62 0.51 -14.91
C TRP A 149 -0.54 0.21 -15.86
N ARG A 150 -0.53 0.88 -17.00
CA ARG A 150 -1.51 0.63 -18.03
C ARG A 150 -0.82 -0.09 -19.19
N PRO A 151 -1.08 -1.41 -19.35
CA PRO A 151 -0.45 -2.17 -20.43
C PRO A 151 -0.86 -1.73 -21.84
N ASN A 152 -2.13 -1.41 -22.05
CA ASN A 152 -2.67 -1.03 -23.37
C ASN A 152 -3.29 0.34 -23.39
N PHE A 153 -3.71 0.78 -24.59
CA PHE A 153 -4.45 2.04 -24.73
C PHE A 153 -5.89 1.83 -24.33
N GLU A 154 -6.07 1.36 -23.08
CA GLU A 154 -7.36 0.93 -22.55
C GLU A 154 -7.45 1.24 -21.05
N PRO A 155 -8.68 1.26 -20.51
CA PRO A 155 -8.97 1.61 -19.10
C PRO A 155 -8.31 0.74 -18.02
N PRO A 156 -8.12 -0.57 -18.27
CA PRO A 156 -7.58 -1.32 -17.12
C PRO A 156 -6.16 -0.91 -16.74
N GLN A 157 -5.95 -0.68 -15.45
CA GLN A 157 -4.61 -0.43 -14.89
C GLN A 157 -4.34 -1.42 -13.75
N TYR A 158 -3.07 -1.67 -13.47
CA TYR A 158 -2.68 -2.69 -12.50
C TYR A 158 -1.56 -2.20 -11.61
N PRO A 159 -1.56 -2.61 -10.34
CA PRO A 159 -0.54 -2.14 -9.40
C PRO A 159 0.82 -2.84 -9.60
N TYR A 160 1.06 -3.36 -10.80
CA TYR A 160 2.30 -4.04 -11.15
C TYR A 160 2.35 -4.11 -12.67
N ILE A 161 3.55 -4.23 -13.25
CA ILE A 161 3.64 -4.46 -14.68
C ILE A 161 3.23 -5.89 -14.97
N PRO A 162 2.12 -6.07 -15.70
CA PRO A 162 1.64 -7.43 -15.97
C PRO A 162 2.67 -8.27 -16.74
N ALA A 163 2.48 -9.58 -16.72
CA ALA A 163 3.45 -10.52 -17.29
C ALA A 163 3.69 -10.24 -18.78
N HIS A 164 4.96 -10.23 -19.18
CA HIS A 164 5.36 -10.10 -20.59
C HIS A 164 4.90 -8.81 -21.25
N ILE A 165 4.57 -7.81 -20.43
CA ILE A 165 4.31 -6.47 -20.91
C ILE A 165 5.60 -5.69 -20.84
N THR A 166 6.24 -5.49 -21.99
CA THR A 166 7.55 -4.84 -22.04
C THR A 166 7.41 -3.33 -22.24
N LYS A 167 6.31 -2.92 -22.85
CA LYS A 167 6.08 -1.52 -23.12
C LYS A 167 4.70 -1.07 -22.63
N PRO A 168 4.60 -0.78 -21.33
CA PRO A 168 3.37 -0.19 -20.78
C PRO A 168 3.14 1.18 -21.39
N LYS A 169 1.89 1.53 -21.66
CA LYS A 169 1.57 2.80 -22.28
C LYS A 169 1.51 3.97 -21.28
N GLU A 170 1.23 3.66 -20.02
CA GLU A 170 1.21 4.67 -18.96
C GLU A 170 1.73 4.14 -17.63
N HIS A 171 2.56 4.95 -16.96
CA HIS A 171 2.97 4.70 -15.58
C HIS A 171 2.50 5.82 -14.65
N LYS A 172 1.69 5.44 -13.67
CA LYS A 172 1.09 6.36 -12.72
C LYS A 172 1.66 6.13 -11.33
N LYS A 173 2.22 7.18 -10.74
CA LYS A 173 2.89 7.08 -9.46
C LYS A 173 2.19 7.95 -8.44
N LEU A 174 1.85 7.39 -7.29
CA LEU A 174 1.07 8.10 -6.29
C LEU A 174 1.95 8.48 -5.11
N PHE A 175 1.81 9.73 -4.64
CA PHE A 175 2.60 10.24 -3.53
C PHE A 175 1.70 10.71 -2.41
N LEU A 176 2.21 10.64 -1.19
CA LEU A 176 1.58 11.26 -0.05
C LEU A 176 2.05 12.71 0.05
N VAL A 177 1.10 13.64 -0.01
CA VAL A 177 1.41 15.06 0.10
C VAL A 177 1.04 15.56 1.49
N GLN A 178 2.05 15.81 2.31
CA GLN A 178 1.84 16.29 3.67
C GLN A 178 1.45 17.76 3.64
N LEU A 179 0.26 18.07 4.15
CA LEU A 179 -0.24 19.43 4.17
C LEU A 179 0.28 20.19 5.36
N GLN A 180 0.61 21.46 5.15
CA GLN A 180 1.00 22.31 6.26
C GLN A 180 -0.18 22.44 7.22
N GLU A 181 0.03 23.08 8.35
CA GLU A 181 -0.97 23.11 9.41
C GLU A 181 -2.24 23.81 8.94
N LYS A 182 -2.07 24.91 8.24
CA LYS A 182 -3.18 25.64 7.64
C LYS A 182 -2.80 26.01 6.23
N ALA A 183 -3.74 25.95 5.30
CA ALA A 183 -3.47 26.36 3.93
C ALA A 183 -4.70 26.94 3.25
N LEU A 184 -4.45 27.68 2.17
CA LEU A 184 -5.53 28.19 1.34
C LEU A 184 -5.42 27.52 -0.03
N PHE A 185 -6.50 26.89 -0.48
CA PHE A 185 -6.51 26.29 -1.81
C PHE A 185 -7.50 27.01 -2.72
N ALA A 186 -7.24 26.96 -4.02
CA ALA A 186 -8.13 27.55 -5.02
C ALA A 186 -8.55 26.50 -6.04
N VAL A 187 -9.83 26.10 -6.02
CA VAL A 187 -10.32 25.06 -6.91
C VAL A 187 -10.92 25.60 -8.22
N PRO A 188 -10.33 25.24 -9.36
CA PRO A 188 -10.93 25.69 -10.63
C PRO A 188 -12.42 25.41 -10.61
N LYS A 189 -13.20 26.36 -11.11
CA LYS A 189 -14.65 26.29 -10.99
C LYS A 189 -15.27 25.00 -11.51
N ASN A 190 -14.60 24.35 -12.46
CA ASN A 190 -15.20 23.16 -13.07
C ASN A 190 -15.12 21.94 -12.19
N TYR A 191 -14.45 22.09 -11.04
CA TYR A 191 -14.28 20.98 -10.10
C TYR A 191 -14.96 21.28 -8.78
N LYS A 192 -15.35 20.23 -8.08
CA LYS A 192 -15.63 20.36 -6.65
C LYS A 192 -14.54 19.58 -5.93
N LEU A 193 -14.21 20.01 -4.72
CA LEU A 193 -13.23 19.29 -3.93
C LEU A 193 -14.02 18.66 -2.80
N VAL A 194 -13.78 17.38 -2.56
CA VAL A 194 -14.49 16.68 -1.50
C VAL A 194 -13.47 15.98 -0.60
N ALA A 195 -13.85 15.73 0.64
CA ALA A 195 -13.00 14.96 1.56
C ALA A 195 -13.71 13.64 1.80
N ALA A 196 -13.15 12.56 1.29
CA ALA A 196 -13.82 11.26 1.39
C ALA A 196 -13.19 10.48 2.51
N PRO A 197 -14.02 9.97 3.44
CA PRO A 197 -13.52 9.18 4.55
C PRO A 197 -13.09 7.82 4.04
N LEU A 198 -12.18 7.16 4.73
CA LEU A 198 -11.64 5.91 4.20
C LEU A 198 -12.69 4.82 4.02
N PHE A 199 -13.68 4.78 4.90
CA PHE A 199 -14.70 3.72 4.83
C PHE A 199 -15.53 3.86 3.58
N GLU A 200 -15.71 5.11 3.13
CA GLU A 200 -16.40 5.38 1.89
C GLU A 200 -15.66 4.80 0.66
N LEU A 201 -14.33 4.85 0.69
CA LEU A 201 -13.54 4.40 -0.47
C LEU A 201 -13.27 2.90 -0.45
N TYR A 202 -13.04 2.35 0.74
CA TYR A 202 -12.74 0.92 0.90
C TYR A 202 -13.85 0.02 0.37
N ASP A 203 -13.46 -0.86 -0.55
CA ASP A 203 -14.36 -1.87 -1.12
C ASP A 203 -15.37 -1.27 -2.09
N ASN A 204 -15.03 -0.10 -2.64
CA ASN A 204 -15.95 0.66 -3.45
C ASN A 204 -15.30 1.06 -4.76
N ALA A 205 -14.80 0.06 -5.48
CA ALA A 205 -14.30 0.23 -6.83
C ALA A 205 -15.41 0.63 -7.79
N PRO A 206 -16.65 0.13 -7.58
CA PRO A 206 -17.72 0.52 -8.51
C PRO A 206 -17.99 2.03 -8.44
N GLY A 207 -17.66 2.66 -7.32
CA GLY A 207 -17.87 4.08 -7.14
C GLY A 207 -16.63 4.95 -7.36
N TYR A 208 -15.44 4.36 -7.19
CA TYR A 208 -14.21 5.15 -7.27
C TYR A 208 -13.10 4.56 -8.14
N GLY A 209 -13.33 3.37 -8.67
CA GLY A 209 -12.29 2.71 -9.43
C GLY A 209 -11.31 2.04 -8.50
N PRO A 210 -10.45 1.16 -9.05
CA PRO A 210 -9.54 0.35 -8.23
C PRO A 210 -8.40 1.14 -7.61
N ILE A 211 -8.05 2.30 -8.18
CA ILE A 211 -6.92 3.06 -7.64
C ILE A 211 -7.32 3.83 -6.38
N ILE A 212 -8.41 4.60 -6.48
CA ILE A 212 -8.88 5.38 -5.34
C ILE A 212 -9.44 4.49 -4.24
N SER A 213 -10.12 3.42 -4.62
CA SER A 213 -10.75 2.54 -3.64
C SER A 213 -9.74 1.74 -2.81
N SER A 214 -8.49 1.65 -3.27
CA SER A 214 -7.47 0.94 -2.47
C SER A 214 -6.50 1.87 -1.75
N LEU A 215 -6.82 3.17 -1.68
CA LEU A 215 -6.02 4.09 -0.87
C LEU A 215 -6.08 3.77 0.61
N PRO A 216 -7.23 3.27 1.11
CA PRO A 216 -7.20 2.94 2.55
C PRO A 216 -6.11 1.91 2.89
N GLN A 217 -5.95 0.88 2.07
CA GLN A 217 -4.86 -0.08 2.21
C GLN A 217 -3.49 0.60 2.05
N LEU A 218 -3.34 1.41 1.00
CA LEU A 218 -2.07 2.08 0.76
CA LEU A 218 -2.09 2.12 0.74
C LEU A 218 -1.70 3.07 1.85
N LEU A 219 -2.69 3.55 2.60
CA LEU A 219 -2.43 4.50 3.69
C LEU A 219 -2.30 3.85 5.07
N SER A 220 -2.61 2.55 5.16
CA SER A 220 -2.74 1.90 6.47
C SER A 220 -1.42 1.83 7.26
N ARG A 221 -0.31 1.79 6.53
CA ARG A 221 1.00 1.69 7.13
C ARG A 221 1.40 2.92 7.93
N PHE A 222 0.75 4.05 7.66
CA PHE A 222 1.18 5.33 8.22
C PHE A 222 0.64 5.53 9.64
N ASN A 223 1.50 6.04 10.51
CA ASN A 223 1.13 6.40 11.86
C ASN A 223 0.65 7.85 11.82
N PHE A 224 -0.67 8.03 11.83
CA PHE A 224 -1.25 9.36 11.68
C PHE A 224 -1.40 10.02 13.03
N ILE A 225 -1.01 11.28 13.11
CA ILE A 225 -1.25 12.06 14.30
C ILE A 225 -2.38 12.99 13.97
N TYR A 226 -3.42 12.95 14.78
CA TYR A 226 -4.58 13.80 14.52
C TYR A 226 -4.38 15.16 15.17
N ASN A 227 -3.81 16.06 14.39
CA ASN A 227 -3.39 17.42 14.74
C ASN A 227 -1.86 17.63 14.71
N GLY B 21 38.66 13.56 -0.52
CA GLY B 21 38.81 12.19 -1.00
C GLY B 21 37.71 11.67 -1.92
N ASN B 22 37.69 10.35 -2.10
CA ASN B 22 36.68 9.69 -2.93
C ASN B 22 35.29 9.73 -2.32
N LYS B 23 34.28 10.09 -3.12
CA LYS B 23 32.91 10.10 -2.63
C LYS B 23 32.16 8.82 -3.01
N TYR B 24 31.86 7.99 -2.02
CA TYR B 24 31.10 6.77 -2.24
C TYR B 24 29.59 7.03 -2.38
N ILE B 25 29.15 7.07 -3.63
CA ILE B 25 27.76 7.35 -4.01
C ILE B 25 26.76 6.31 -3.51
N GLN B 26 25.79 6.77 -2.72
CA GLN B 26 24.68 5.96 -2.21
C GLN B 26 23.39 6.38 -2.92
N GLN B 27 22.29 5.68 -2.65
CA GLN B 27 21.02 6.03 -3.28
C GLN B 27 20.67 7.49 -2.97
N THR B 28 20.29 8.24 -4.01
CA THR B 28 19.98 9.66 -3.85
C THR B 28 18.62 9.88 -3.18
N LYS B 29 17.59 9.21 -3.69
CA LYS B 29 16.25 9.42 -3.16
C LYS B 29 16.15 8.92 -1.73
N PRO B 30 15.39 9.63 -0.89
CA PRO B 30 15.19 9.19 0.50
C PRO B 30 14.51 7.83 0.49
N LEU B 31 14.64 7.06 1.56
CA LEU B 31 14.04 5.73 1.64
C LEU B 31 12.51 5.78 1.70
N THR B 32 11.96 6.92 2.11
CA THR B 32 10.52 7.12 2.13
C THR B 32 9.96 7.34 0.72
N LEU B 33 10.83 7.76 -0.18
CA LEU B 33 10.45 8.04 -1.56
C LEU B 33 10.76 6.87 -2.51
N GLU B 34 11.82 6.12 -2.20
CA GLU B 34 12.23 5.00 -3.05
C GLU B 34 12.80 3.89 -2.19
N ARG B 35 12.03 2.81 -2.06
CA ARG B 35 12.47 1.64 -1.33
C ARG B 35 12.89 0.58 -2.32
N THR B 36 14.18 0.28 -2.37
CA THR B 36 14.68 -0.74 -3.28
C THR B 36 14.86 -2.06 -2.54
N ILE B 37 14.39 -3.14 -3.15
CA ILE B 37 14.36 -4.47 -2.51
C ILE B 37 14.85 -5.55 -3.47
N ASN B 38 15.80 -6.35 -3.00
CA ASN B 38 16.29 -7.47 -3.79
C ASN B 38 15.38 -8.69 -3.72
N LEU B 39 15.00 -9.19 -4.90
CA LEU B 39 14.28 -10.44 -5.03
C LEU B 39 15.18 -11.46 -5.72
N TYR B 40 14.96 -12.74 -5.45
CA TYR B 40 15.78 -13.78 -6.04
C TYR B 40 14.90 -14.88 -6.60
N PRO B 41 15.41 -15.63 -7.58
CA PRO B 41 14.58 -16.69 -8.17
C PRO B 41 14.10 -17.64 -7.07
N LEU B 42 12.90 -18.19 -7.23
CA LEU B 42 12.39 -19.17 -6.27
C LEU B 42 13.35 -20.36 -6.21
N THR B 43 14.08 -20.57 -7.30
CA THR B 43 15.01 -21.69 -7.39
C THR B 43 16.27 -21.50 -6.53
N ASN B 44 16.45 -20.28 -6.02
CA ASN B 44 17.55 -19.98 -5.12
C ASN B 44 17.35 -20.56 -3.73
N TYR B 45 16.11 -20.93 -3.44
CA TYR B 45 15.76 -21.38 -2.10
C TYR B 45 15.53 -22.88 -2.05
N THR B 46 15.87 -23.47 -0.92
CA THR B 46 15.67 -24.88 -0.66
C THR B 46 14.49 -25.05 0.27
N PHE B 47 13.58 -25.94 -0.07
CA PHE B 47 12.39 -26.17 0.76
C PHE B 47 12.34 -27.59 1.28
N GLY B 48 12.11 -27.71 2.59
CA GLY B 48 12.01 -29.00 3.22
C GLY B 48 10.78 -29.10 4.10
N THR B 49 10.74 -30.16 4.91
CA THR B 49 9.59 -30.46 5.73
C THR B 49 9.97 -30.56 7.20
N LYS B 50 9.07 -30.15 8.07
CA LYS B 50 9.30 -30.38 9.49
C LYS B 50 8.02 -30.77 10.22
N GLU B 51 8.15 -30.95 11.54
CA GLU B 51 7.03 -31.33 12.38
C GLU B 51 5.84 -30.40 12.15
N PRO B 52 4.62 -30.97 12.06
CA PRO B 52 3.42 -30.16 11.91
C PRO B 52 3.31 -29.13 13.04
N LEU B 53 2.68 -28.00 12.76
CA LEU B 53 2.44 -26.97 13.76
C LEU B 53 0.95 -26.71 13.83
N TYR B 54 0.28 -27.29 14.82
CA TYR B 54 -1.17 -27.25 14.86
C TYR B 54 -1.67 -25.90 15.34
N GLU B 55 -2.82 -25.49 14.81
CA GLU B 55 -3.46 -24.25 15.26
C GLU B 55 -4.07 -24.43 16.64
N LYS B 56 -3.97 -23.38 17.48
CA LYS B 56 -4.41 -23.48 18.87
C LYS B 56 -5.91 -23.68 19.03
N ASP B 57 -6.67 -23.35 17.98
CA ASP B 57 -8.13 -23.46 18.02
C ASP B 57 -8.64 -24.55 17.07
N SER B 58 -9.64 -25.31 17.52
CA SER B 58 -10.14 -26.45 16.76
C SER B 58 -11.29 -26.12 15.81
N SER B 59 -11.84 -24.91 15.94
CA SER B 59 -13.02 -24.53 15.18
C SER B 59 -13.30 -23.04 15.30
N VAL B 60 -13.94 -22.47 14.28
CA VAL B 60 -14.35 -21.07 14.31
C VAL B 60 -14.94 -20.69 15.65
N ALA B 61 -15.79 -21.57 16.19
CA ALA B 61 -16.47 -21.31 17.46
C ALA B 61 -15.44 -21.18 18.56
N ALA B 62 -14.47 -22.09 18.56
CA ALA B 62 -13.39 -22.06 19.54
C ALA B 62 -12.56 -20.80 19.36
N ARG B 63 -12.34 -20.41 18.11
CA ARG B 63 -11.46 -19.29 17.82
C ARG B 63 -11.94 -17.99 18.44
N PHE B 64 -13.21 -17.66 18.24
CA PHE B 64 -13.70 -16.40 18.78
C PHE B 64 -14.03 -16.48 20.26
N GLN B 65 -14.22 -17.71 20.74
CA GLN B 65 -14.32 -17.96 22.16
C GLN B 65 -12.99 -17.68 22.86
N ARG B 66 -11.91 -18.27 22.38
CA ARG B 66 -10.61 -18.01 22.98
C ARG B 66 -10.21 -16.55 22.81
N MET B 67 -10.62 -15.94 21.70
CA MET B 67 -10.35 -14.53 21.48
C MET B 67 -11.07 -13.65 22.50
N ARG B 68 -12.30 -14.01 22.86
CA ARG B 68 -13.05 -13.27 23.87
C ARG B 68 -12.43 -13.37 25.26
N GLU B 69 -12.03 -14.57 25.64
CA GLU B 69 -11.42 -14.79 26.96
C GLU B 69 -10.14 -13.99 27.08
N GLU B 70 -9.27 -14.12 26.09
CA GLU B 70 -7.99 -13.42 26.10
C GLU B 70 -8.12 -11.90 26.09
N PHE B 71 -9.11 -11.38 25.35
CA PHE B 71 -9.30 -9.93 25.33
C PHE B 71 -9.54 -9.42 26.75
N ASP B 72 -10.13 -10.28 27.58
CA ASP B 72 -10.44 -9.93 28.96
C ASP B 72 -9.23 -9.98 29.90
N LYS B 73 -8.30 -10.90 29.65
CA LYS B 73 -7.13 -11.00 30.53
C LYS B 73 -5.81 -10.45 29.96
N ILE B 74 -5.73 -10.31 28.65
CA ILE B 74 -4.50 -9.85 28.03
C ILE B 74 -4.69 -8.51 27.31
N GLY B 75 -5.94 -8.17 27.04
CA GLY B 75 -6.24 -6.99 26.25
C GLY B 75 -6.32 -7.30 24.76
N MET B 76 -6.15 -6.27 23.94
CA MET B 76 -6.29 -6.39 22.49
C MET B 76 -5.26 -7.37 21.93
N ARG B 77 -5.72 -8.27 21.06
CA ARG B 77 -4.83 -9.20 20.39
C ARG B 77 -3.94 -8.44 19.44
N ARG B 78 -2.64 -8.76 19.44
CA ARG B 78 -1.69 -8.15 18.51
C ARG B 78 -1.03 -9.23 17.64
N THR B 79 -1.36 -9.21 16.35
CA THR B 79 -0.82 -10.15 15.39
CA THR B 79 -0.80 -10.16 15.40
C THR B 79 0.20 -9.50 14.45
N VAL B 80 1.24 -10.25 14.07
CA VAL B 80 2.20 -9.76 13.08
C VAL B 80 2.34 -10.79 11.96
N GLU B 81 2.39 -10.33 10.72
CA GLU B 81 2.59 -11.25 9.62
C GLU B 81 3.68 -10.77 8.66
N GLY B 82 4.31 -11.72 8.00
CA GLY B 82 5.44 -11.41 7.15
C GLY B 82 5.12 -11.70 5.71
N VAL B 83 5.59 -10.83 4.83
CA VAL B 83 5.42 -11.00 3.40
C VAL B 83 6.79 -11.33 2.80
N LEU B 84 6.94 -12.58 2.36
CA LEU B 84 8.19 -13.04 1.79
C LEU B 84 7.99 -13.10 0.29
N ILE B 85 8.90 -12.48 -0.46
CA ILE B 85 8.70 -12.35 -1.89
C ILE B 85 9.88 -12.97 -2.63
N VAL B 86 9.59 -13.78 -3.63
CA VAL B 86 10.59 -14.31 -4.52
C VAL B 86 10.14 -13.92 -5.93
N HIS B 87 10.96 -14.21 -6.95
CA HIS B 87 10.48 -13.98 -8.31
C HIS B 87 10.69 -15.18 -9.21
N GLU B 88 9.80 -15.33 -10.18
CA GLU B 88 9.97 -16.33 -11.24
C GLU B 88 9.98 -15.62 -12.59
N HIS B 89 11.09 -15.71 -13.31
CA HIS B 89 11.20 -15.03 -14.59
C HIS B 89 10.73 -13.59 -14.41
N ARG B 90 11.24 -12.96 -13.36
CA ARG B 90 11.03 -11.53 -13.13
C ARG B 90 9.58 -11.11 -12.83
N LEU B 91 8.78 -12.02 -12.29
CA LEU B 91 7.46 -11.67 -11.75
C LEU B 91 7.44 -12.02 -10.27
N PRO B 92 7.11 -11.04 -9.40
CA PRO B 92 7.09 -11.30 -7.94
C PRO B 92 6.01 -12.29 -7.50
N HIS B 93 6.41 -13.18 -6.60
CA HIS B 93 5.50 -14.16 -6.01
C HIS B 93 5.57 -14.02 -4.50
N VAL B 94 4.42 -14.00 -3.84
CA VAL B 94 4.43 -13.99 -2.39
C VAL B 94 4.30 -15.41 -1.89
N LEU B 95 5.09 -15.77 -0.87
CA LEU B 95 4.99 -17.10 -0.28
C LEU B 95 3.79 -17.21 0.66
N LEU B 96 2.85 -18.10 0.34
CA LEU B 96 1.67 -18.34 1.15
C LEU B 96 1.68 -19.73 1.75
N LEU B 97 1.14 -19.85 2.96
CA LEU B 97 0.92 -21.13 3.60
C LEU B 97 -0.51 -21.51 3.32
N GLN B 98 -0.74 -22.76 2.94
CA GLN B 98 -2.11 -23.22 2.75
C GLN B 98 -2.44 -24.34 3.72
N LEU B 99 -3.61 -24.25 4.34
CA LEU B 99 -4.07 -25.24 5.29
C LEU B 99 -5.24 -25.98 4.65
N GLY B 100 -5.12 -27.29 4.53
CA GLY B 100 -6.12 -28.06 3.81
C GLY B 100 -6.25 -27.49 2.40
N THR B 101 -7.47 -27.37 1.91
CA THR B 101 -7.66 -26.85 0.57
C THR B 101 -8.20 -25.44 0.64
N THR B 102 -8.62 -25.02 1.84
CA THR B 102 -9.53 -23.89 1.94
C THR B 102 -8.95 -22.56 2.50
N PHE B 103 -7.74 -22.60 3.05
CA PHE B 103 -7.23 -21.46 3.81
C PHE B 103 -5.79 -21.08 3.48
N PHE B 104 -5.59 -19.81 3.12
CA PHE B 104 -4.25 -19.23 2.94
C PHE B 104 -3.94 -18.28 4.10
N LYS B 105 -2.73 -18.34 4.61
CA LYS B 105 -2.29 -17.36 5.60
C LYS B 105 -0.84 -16.97 5.34
N LEU B 106 -0.50 -15.74 5.71
CA LEU B 106 0.89 -15.33 5.72
C LEU B 106 1.54 -15.94 6.94
N PRO B 107 2.85 -16.23 6.86
CA PRO B 107 3.63 -16.65 8.03
C PRO B 107 3.62 -15.55 9.10
N GLY B 108 3.31 -15.92 10.33
CA GLY B 108 3.20 -14.96 11.41
C GLY B 108 2.36 -15.53 12.54
N GLY B 109 1.76 -14.66 13.33
CA GLY B 109 0.97 -15.12 14.46
C GLY B 109 0.87 -14.10 15.57
N GLU B 110 0.64 -14.57 16.78
CA GLU B 110 0.34 -13.69 17.91
C GLU B 110 1.56 -13.30 18.71
N LEU B 111 1.65 -12.01 19.01
CA LEU B 111 2.67 -11.50 19.92
C LEU B 111 2.27 -11.84 21.35
N ASN B 112 3.28 -12.05 22.19
CA ASN B 112 3.05 -12.07 23.63
C ASN B 112 2.84 -10.62 24.09
N PRO B 113 2.16 -10.44 25.23
CA PRO B 113 1.94 -9.07 25.73
C PRO B 113 3.27 -8.35 25.92
N GLY B 114 3.42 -7.16 25.37
CA GLY B 114 4.62 -6.37 25.52
C GLY B 114 5.76 -6.68 24.55
N GLU B 115 5.66 -7.80 23.84
CA GLU B 115 6.71 -8.21 22.92
C GLU B 115 6.92 -7.20 21.78
N ASP B 116 8.17 -6.93 21.44
CA ASP B 116 8.45 -6.08 20.28
C ASP B 116 7.87 -6.74 19.03
N GLU B 117 7.25 -5.94 18.17
CA GLU B 117 6.57 -6.43 16.99
C GLU B 117 7.53 -7.16 16.08
N VAL B 118 8.67 -6.54 15.81
CA VAL B 118 9.67 -7.09 14.92
C VAL B 118 10.38 -8.31 15.49
N GLU B 119 10.71 -8.28 16.78
CA GLU B 119 11.27 -9.45 17.44
C GLU B 119 10.24 -10.58 17.48
N GLY B 120 9.01 -10.26 17.84
CA GLY B 120 7.94 -11.23 17.78
C GLY B 120 7.81 -11.86 16.40
N LEU B 121 7.78 -11.04 15.35
CA LEU B 121 7.63 -11.58 13.99
C LEU B 121 8.76 -12.57 13.65
N LYS B 122 9.99 -12.21 13.99
CA LYS B 122 11.13 -13.09 13.77
C LYS B 122 10.98 -14.42 14.52
N ARG B 123 10.57 -14.33 15.77
CA ARG B 123 10.23 -15.52 16.53
C ARG B 123 9.23 -16.39 15.77
N LEU B 124 8.11 -15.79 15.38
CA LEU B 124 7.06 -16.54 14.68
C LEU B 124 7.54 -17.07 13.34
N MET B 125 8.32 -16.27 12.60
CA MET B 125 8.86 -16.67 11.31
C MET B 125 9.70 -17.94 11.46
N THR B 126 10.57 -17.90 12.45
CA THR B 126 11.48 -18.98 12.73
C THR B 126 10.71 -20.24 13.10
N GLU B 127 9.63 -20.03 13.87
CA GLU B 127 8.82 -21.13 14.34
C GLU B 127 8.03 -21.80 13.21
N ILE B 128 7.54 -21.02 12.26
CA ILE B 128 6.68 -21.54 11.19
CA ILE B 128 6.70 -21.60 11.21
C ILE B 128 7.48 -22.01 9.97
N LEU B 129 8.68 -21.46 9.79
CA LEU B 129 9.44 -21.73 8.56
C LEU B 129 10.92 -22.01 8.79
N GLY B 130 11.38 -21.77 10.02
CA GLY B 130 12.78 -21.94 10.33
C GLY B 130 13.36 -23.31 10.02
N ARG B 131 14.53 -23.30 9.39
CA ARG B 131 15.29 -24.51 9.11
C ARG B 131 15.75 -25.19 10.41
N GLN B 132 15.53 -26.50 10.50
CA GLN B 132 15.98 -27.29 11.67
C GLN B 132 17.43 -27.72 11.48
N ASP B 133 18.27 -26.78 11.08
CA ASP B 133 19.62 -27.06 10.57
C ASP B 133 20.74 -26.93 11.59
N GLY B 134 20.65 -25.91 12.44
CA GLY B 134 21.74 -25.56 13.33
C GLY B 134 22.51 -24.40 12.73
N VAL B 135 22.06 -23.96 11.57
CA VAL B 135 22.63 -22.81 10.87
C VAL B 135 21.83 -21.56 11.24
N LEU B 136 22.51 -20.44 11.46
CA LEU B 136 21.82 -19.21 11.84
C LEU B 136 20.76 -18.83 10.82
N GLN B 137 19.50 -18.74 11.27
CA GLN B 137 18.44 -18.21 10.43
C GLN B 137 18.19 -16.77 10.81
N ASP B 138 18.55 -15.84 9.93
CA ASP B 138 18.38 -14.42 10.20
C ASP B 138 17.34 -13.80 9.27
N TRP B 139 16.38 -13.11 9.87
CA TRP B 139 15.33 -12.41 9.11
C TRP B 139 15.64 -10.92 9.03
N VAL B 140 15.51 -10.36 7.84
CA VAL B 140 15.66 -8.90 7.68
C VAL B 140 14.27 -8.27 7.58
N ILE B 141 13.90 -7.52 8.61
CA ILE B 141 12.55 -6.93 8.70
C ILE B 141 12.60 -5.44 9.00
N ASP B 142 12.62 -4.65 7.93
CA ASP B 142 12.85 -3.22 8.05
C ASP B 142 11.66 -2.37 7.59
N ASP B 143 10.60 -3.02 7.10
CA ASP B 143 9.50 -2.30 6.47
C ASP B 143 8.13 -2.70 6.97
N CYS B 144 7.35 -1.73 7.41
CA CYS B 144 5.92 -1.96 7.61
C CYS B 144 5.15 -1.68 6.32
N ILE B 145 4.33 -2.63 5.88
CA ILE B 145 3.54 -2.42 4.67
C ILE B 145 2.06 -2.10 4.91
N GLY B 146 1.54 -2.41 6.10
CA GLY B 146 0.16 -2.05 6.41
C GLY B 146 -0.37 -2.49 7.76
N ASN B 147 -1.55 -1.98 8.10
CA ASN B 147 -2.22 -2.30 9.36
C ASN B 147 -3.68 -2.69 9.13
N TRP B 148 -4.15 -3.69 9.87
CA TRP B 148 -5.54 -4.14 9.78
C TRP B 148 -6.14 -4.24 11.16
N TRP B 149 -7.38 -3.81 11.30
CA TRP B 149 -8.04 -3.82 12.60
C TRP B 149 -9.33 -4.64 12.57
N ARG B 150 -9.52 -5.46 13.60
CA ARG B 150 -10.75 -6.22 13.79
C ARG B 150 -11.57 -5.55 14.89
N PRO B 151 -12.67 -4.86 14.51
CA PRO B 151 -13.50 -4.11 15.48
C PRO B 151 -14.40 -4.96 16.38
N ASN B 152 -14.81 -6.15 15.95
CA ASN B 152 -15.60 -7.05 16.78
C ASN B 152 -14.98 -8.44 16.91
N PHE B 153 -15.61 -9.30 17.71
CA PHE B 153 -15.17 -10.70 17.81
C PHE B 153 -15.65 -11.53 16.64
N GLU B 154 -15.53 -10.96 15.44
CA GLU B 154 -15.98 -11.59 14.21
C GLU B 154 -14.83 -11.48 13.21
N PRO B 155 -14.87 -12.28 12.13
CA PRO B 155 -13.82 -12.25 11.11
C PRO B 155 -13.50 -10.88 10.44
N PRO B 156 -14.49 -10.01 10.19
CA PRO B 156 -14.13 -8.84 9.36
C PRO B 156 -12.99 -7.95 9.92
N GLN B 157 -12.04 -7.59 9.06
CA GLN B 157 -10.95 -6.68 9.38
C GLN B 157 -10.85 -5.54 8.38
N TYR B 158 -10.42 -4.37 8.85
CA TYR B 158 -10.36 -3.17 8.01
C TYR B 158 -8.97 -2.54 8.07
N PRO B 159 -8.51 -1.97 6.94
CA PRO B 159 -7.18 -1.36 6.88
C PRO B 159 -7.15 -0.02 7.61
N TYR B 160 -8.09 0.18 8.51
CA TYR B 160 -8.23 1.43 9.26
C TYR B 160 -9.06 1.12 10.48
N ILE B 161 -9.01 2.02 11.47
CA ILE B 161 -9.89 1.90 12.64
C ILE B 161 -11.22 2.57 12.32
N PRO B 162 -12.29 1.77 12.21
CA PRO B 162 -13.60 2.31 11.81
C PRO B 162 -14.14 3.32 12.82
N ALA B 163 -15.10 4.11 12.38
CA ALA B 163 -15.73 5.09 13.26
C ALA B 163 -16.33 4.40 14.49
N HIS B 164 -16.22 5.07 15.64
CA HIS B 164 -16.91 4.61 16.84
C HIS B 164 -16.32 3.33 17.45
N ILE B 165 -15.18 2.88 16.92
CA ILE B 165 -14.50 1.74 17.49
C ILE B 165 -13.31 2.25 18.29
N THR B 166 -13.45 2.26 19.61
CA THR B 166 -12.40 2.69 20.51
C THR B 166 -11.63 1.50 21.08
N LYS B 167 -12.27 0.34 21.08
CA LYS B 167 -11.66 -0.87 21.61
C LYS B 167 -11.58 -1.97 20.56
N PRO B 168 -10.71 -1.81 19.54
CA PRO B 168 -10.63 -2.89 18.55
C PRO B 168 -10.21 -4.17 19.24
N LYS B 169 -10.57 -5.32 18.69
CA LYS B 169 -10.30 -6.63 19.30
C LYS B 169 -8.95 -7.19 18.90
N GLU B 170 -8.44 -6.72 17.76
CA GLU B 170 -7.18 -7.18 17.24
C GLU B 170 -6.59 -6.10 16.34
N HIS B 171 -5.27 -5.94 16.44
CA HIS B 171 -4.50 -5.12 15.53
C HIS B 171 -3.50 -6.03 14.86
N LYS B 172 -3.55 -6.07 13.53
CA LYS B 172 -2.62 -6.88 12.77
C LYS B 172 -1.66 -5.98 11.97
N LYS B 173 -0.38 -6.30 12.05
CA LYS B 173 0.64 -5.52 11.36
C LYS B 173 1.39 -6.38 10.34
N LEU B 174 1.59 -5.80 9.16
CA LEU B 174 2.20 -6.49 8.04
C LEU B 174 3.60 -5.94 7.82
N PHE B 175 4.57 -6.82 7.60
CA PHE B 175 5.96 -6.41 7.40
C PHE B 175 6.51 -7.08 6.15
N LEU B 176 7.36 -6.34 5.44
CA LEU B 176 8.09 -6.92 4.32
C LEU B 176 9.33 -7.61 4.89
N VAL B 177 9.48 -8.89 4.58
CA VAL B 177 10.65 -9.63 5.03
C VAL B 177 11.59 -9.81 3.85
N GLN B 178 12.78 -9.23 3.94
CA GLN B 178 13.75 -9.30 2.87
C GLN B 178 14.51 -10.59 2.97
N LEU B 179 14.48 -11.38 1.90
CA LEU B 179 15.17 -12.67 1.88
C LEU B 179 16.60 -12.53 1.35
N GLN B 180 17.49 -13.37 1.87
CA GLN B 180 18.86 -13.45 1.38
C GLN B 180 18.87 -14.12 0.02
N GLU B 181 20.02 -14.10 -0.64
CA GLU B 181 20.17 -14.67 -1.99
C GLU B 181 19.88 -16.15 -2.04
N LYS B 182 20.22 -16.86 -0.97
CA LYS B 182 19.87 -18.26 -0.81
C LYS B 182 19.46 -18.54 0.64
N ALA B 183 18.52 -19.46 0.80
CA ALA B 183 18.02 -19.79 2.13
C ALA B 183 17.34 -21.14 2.14
N LEU B 184 17.31 -21.75 3.31
CA LEU B 184 16.59 -23.00 3.50
C LEU B 184 15.40 -22.74 4.40
N PHE B 185 14.25 -23.28 4.00
CA PHE B 185 13.03 -23.22 4.80
C PHE B 185 12.47 -24.61 5.06
N ALA B 186 12.02 -24.85 6.27
CA ALA B 186 11.32 -26.08 6.59
C ALA B 186 9.86 -25.74 6.88
N VAL B 187 8.95 -26.39 6.18
CA VAL B 187 7.53 -26.10 6.30
C VAL B 187 6.84 -27.16 7.18
N PRO B 188 6.06 -26.73 8.18
CA PRO B 188 5.32 -27.71 8.98
C PRO B 188 4.54 -28.67 8.09
N LYS B 189 4.68 -29.97 8.37
CA LYS B 189 4.08 -31.02 7.56
C LYS B 189 2.59 -30.82 7.29
N ASN B 190 1.88 -30.19 8.21
CA ASN B 190 0.45 -30.01 8.03
C ASN B 190 0.09 -28.85 7.10
N TYR B 191 1.08 -28.06 6.73
CA TYR B 191 0.87 -26.98 5.76
C TYR B 191 1.50 -27.30 4.42
N LYS B 192 0.95 -26.70 3.37
CA LYS B 192 1.62 -26.65 2.08
C LYS B 192 2.11 -25.22 1.86
N LEU B 193 3.17 -25.07 1.08
CA LEU B 193 3.69 -23.77 0.74
C LEU B 193 3.43 -23.46 -0.74
N VAL B 194 3.06 -22.22 -1.00
CA VAL B 194 2.65 -21.79 -2.32
C VAL B 194 3.30 -20.45 -2.62
N ALA B 195 3.87 -20.30 -3.81
CA ALA B 195 4.32 -18.98 -4.27
C ALA B 195 3.26 -18.44 -5.20
N ALA B 196 2.58 -17.38 -4.76
CA ALA B 196 1.45 -16.85 -5.52
C ALA B 196 1.85 -15.61 -6.28
N PRO B 197 1.74 -15.67 -7.61
CA PRO B 197 1.99 -14.49 -8.44
C PRO B 197 1.08 -13.33 -8.05
N LEU B 198 1.58 -12.09 -8.14
CA LEU B 198 0.78 -10.93 -7.77
C LEU B 198 -0.49 -10.81 -8.59
N PHE B 199 -0.43 -11.16 -9.88
CA PHE B 199 -1.64 -11.10 -10.70
C PHE B 199 -2.72 -12.09 -10.21
N GLU B 200 -2.30 -13.24 -9.70
CA GLU B 200 -3.26 -14.17 -9.11
C GLU B 200 -4.00 -13.52 -7.93
N LEU B 201 -3.24 -13.01 -6.96
CA LEU B 201 -3.82 -12.31 -5.81
C LEU B 201 -4.77 -11.19 -6.24
N TYR B 202 -4.38 -10.45 -7.28
CA TYR B 202 -5.17 -9.29 -7.74
C TYR B 202 -6.40 -9.69 -8.61
N ASP B 203 -6.17 -10.59 -9.56
CA ASP B 203 -7.23 -11.02 -10.49
C ASP B 203 -8.24 -11.94 -9.83
N ASN B 204 -7.82 -12.67 -8.80
CA ASN B 204 -8.72 -13.54 -8.04
C ASN B 204 -8.74 -13.16 -6.58
N ALA B 205 -9.07 -11.91 -6.29
CA ALA B 205 -9.13 -11.42 -4.92
C ALA B 205 -9.99 -12.26 -3.96
N PRO B 206 -11.21 -12.64 -4.41
CA PRO B 206 -12.09 -13.38 -3.50
C PRO B 206 -11.41 -14.60 -2.86
N GLY B 207 -10.50 -15.25 -3.56
CA GLY B 207 -9.88 -16.46 -3.07
C GLY B 207 -8.86 -16.31 -1.94
N TYR B 208 -8.47 -15.07 -1.63
CA TYR B 208 -7.39 -14.88 -0.68
C TYR B 208 -7.73 -14.02 0.53
N GLY B 209 -8.95 -13.48 0.52
CA GLY B 209 -9.36 -12.55 1.55
C GLY B 209 -8.84 -11.15 1.25
N PRO B 210 -9.30 -10.17 2.03
CA PRO B 210 -9.03 -8.75 1.79
C PRO B 210 -7.59 -8.35 2.11
N ILE B 211 -6.91 -9.09 2.97
CA ILE B 211 -5.55 -8.75 3.36
C ILE B 211 -4.53 -9.22 2.33
N ILE B 212 -4.46 -10.53 2.12
CA ILE B 212 -3.59 -11.08 1.08
C ILE B 212 -3.93 -10.53 -0.33
N SER B 213 -5.21 -10.34 -0.65
CA SER B 213 -5.54 -9.93 -2.03
C SER B 213 -5.16 -8.49 -2.36
N SER B 214 -4.86 -7.69 -1.33
CA SER B 214 -4.42 -6.32 -1.55
C SER B 214 -2.92 -6.15 -1.37
N LEU B 215 -2.20 -7.26 -1.27
CA LEU B 215 -0.75 -7.23 -1.25
C LEU B 215 -0.12 -6.65 -2.52
N PRO B 216 -0.70 -6.93 -3.71
CA PRO B 216 -0.09 -6.30 -4.89
C PRO B 216 -0.12 -4.77 -4.79
N GLN B 217 -1.25 -4.21 -4.37
CA GLN B 217 -1.33 -2.77 -4.11
C GLN B 217 -0.28 -2.31 -3.09
N LEU B 218 -0.16 -3.03 -1.97
CA LEU B 218 0.82 -2.67 -0.93
C LEU B 218 2.28 -2.86 -1.33
N LEU B 219 2.53 -3.68 -2.33
CA LEU B 219 3.91 -3.93 -2.76
C LEU B 219 4.33 -3.04 -3.92
N SER B 220 3.35 -2.35 -4.52
CA SER B 220 3.58 -1.62 -5.74
C SER B 220 4.58 -0.47 -5.58
N ARG B 221 4.66 0.09 -4.37
CA ARG B 221 5.57 1.20 -4.12
C ARG B 221 7.05 0.80 -4.16
N PHE B 222 7.33 -0.49 -4.03
CA PHE B 222 8.71 -0.97 -3.98
C PHE B 222 9.39 -1.06 -5.34
N ASN B 223 10.68 -0.77 -5.35
CA ASN B 223 11.53 -0.89 -6.53
C ASN B 223 12.27 -2.21 -6.45
N PHE B 224 11.62 -3.25 -6.96
CA PHE B 224 12.19 -4.59 -6.90
C PHE B 224 13.33 -4.79 -7.89
N ILE B 225 14.46 -5.25 -7.37
CA ILE B 225 15.56 -5.70 -8.22
C ILE B 225 15.44 -7.19 -8.40
N TYR B 226 15.52 -7.64 -9.63
CA TYR B 226 15.37 -9.04 -9.92
C TYR B 226 16.71 -9.73 -9.93
N ASN B 227 17.14 -10.08 -8.71
CA ASN B 227 18.44 -10.67 -8.32
C ASN B 227 19.32 -9.74 -7.47
C1 GOL D . -7.43 9.42 -10.05
O1 GOL D . -6.67 10.60 -10.08
C2 GOL D . -7.42 8.86 -11.45
O2 GOL D . -8.69 9.03 -12.03
C3 GOL D . -7.03 7.40 -11.29
O3 GOL D . -5.78 7.40 -10.63
C1 GOL E . -3.46 -14.61 7.25
O1 GOL E . -2.65 -13.78 6.47
C2 GOL E . -4.86 -14.63 6.68
O2 GOL E . -5.82 -14.66 7.72
C3 GOL E . -5.05 -13.39 5.81
O3 GOL E . -6.37 -12.91 5.92
#